data_6V0Q
#
_entry.id   6V0Q
#
_cell.length_a   59.970
_cell.length_b   36.780
_cell.length_c   118.960
_cell.angle_alpha   90.000
_cell.angle_beta   101.768
_cell.angle_gamma   90.000
#
_symmetry.space_group_name_H-M   'P 1 21 1'
#
loop_
_entity.id
_entity.type
_entity.pdbx_description
1 polymer 'Bromodomain-containing protein 7'
2 non-polymer 1,2-ETHANEDIOL
3 non-polymer 'PHOSPHATE ION'
4 non-polymer 'CHLORIDE ION'
5 non-polymer (1~{Z})-1-(3-ethyl-5-methoxy-1,3-benzothiazol-2-ylidene)propan-2-one
6 non-polymer GLYCEROL
7 water water
#
_entity_poly.entity_id   1
_entity_poly.type   'polypeptide(L)'
_entity_poly.pdbx_seq_one_letter_code
;ESEVEQTPLQEALNQLMRQLQRKDPSAFFSFPVTDFIAPGYSMIIKHPMDFSTMKEKIKNNDYQSIEELKDNFKLMCTNA
MIYNKPETIYYKAAKKLLHSGMKILSQERIQSLKQSIDFMADL
;
_entity_poly.pdbx_strand_id   A,B,C,D
#
loop_
_chem_comp.id
_chem_comp.type
_chem_comp.name
_chem_comp.formula
CL non-polymer 'CHLORIDE ION' 'Cl -1'
EAE non-polymer (1~{Z})-1-(3-ethyl-5-methoxy-1,3-benzothiazol-2-ylidene)propan-2-one 'C13 H15 N O2 S'
EDO non-polymer 1,2-ETHANEDIOL 'C2 H6 O2'
GOL non-polymer GLYCEROL 'C3 H8 O3'
PO4 non-polymer 'PHOSPHATE ION' 'O4 P -3'
#
# COMPACT_ATOMS: atom_id res chain seq x y z
N GLU A 5 5.30 1.27 -7.85
CA GLU A 5 4.94 2.61 -7.38
C GLU A 5 6.12 3.34 -6.74
N GLN A 6 7.06 2.60 -6.15
CA GLN A 6 8.24 3.21 -5.55
C GLN A 6 9.46 2.99 -6.45
N THR A 7 10.35 3.99 -6.45
CA THR A 7 11.56 3.92 -7.24
C THR A 7 12.59 3.01 -6.56
N PRO A 8 13.59 2.53 -7.30
CA PRO A 8 14.68 1.80 -6.64
C PRO A 8 15.35 2.61 -5.54
N LEU A 9 15.48 3.93 -5.72
CA LEU A 9 16.08 4.76 -4.69
C LEU A 9 15.22 4.76 -3.42
N GLN A 10 13.90 4.96 -3.57
CA GLN A 10 13.03 4.92 -2.39
C GLN A 10 13.13 3.57 -1.68
N GLU A 11 13.17 2.48 -2.43
CA GLU A 11 13.23 1.16 -1.79
C GLU A 11 14.54 0.97 -1.05
N ALA A 12 15.66 1.43 -1.62
CA ALA A 12 16.93 1.35 -0.92
C ALA A 12 16.91 2.21 0.34
N LEU A 13 16.34 3.42 0.25
CA LEU A 13 16.30 4.29 1.42
C LEU A 13 15.48 3.65 2.53
N ASN A 14 14.39 2.97 2.18
CA ASN A 14 13.57 2.33 3.22
C ASN A 14 14.31 1.16 3.86
N GLN A 15 15.02 0.36 3.05
CA GLN A 15 15.80 -0.73 3.63
C GLN A 15 16.88 -0.20 4.56
N LEU A 16 17.53 0.92 4.19
CA LEU A 16 18.56 1.48 5.07
C LEU A 16 17.94 2.00 6.36
N MET A 17 16.77 2.60 6.24
CA MET A 17 16.04 3.10 7.40
C MET A 17 15.77 1.98 8.40
N ARG A 18 15.34 0.82 7.90
CA ARG A 18 15.07 -0.29 8.80
C ARG A 18 16.34 -0.73 9.52
N GLN A 19 17.48 -0.72 8.81
CA GLN A 19 18.73 -1.07 9.46
C GLN A 19 19.12 -0.06 10.52
N LEU A 20 18.95 1.24 10.22
CA LEU A 20 19.30 2.26 11.19
C LEU A 20 18.40 2.20 12.42
N GLN A 21 17.10 1.99 12.20
CA GLN A 21 16.18 1.99 13.33
C GLN A 21 16.41 0.82 14.26
N ARG A 22 16.88 -0.32 13.73
CA ARG A 22 17.22 -1.45 14.59
C ARG A 22 18.30 -1.10 15.60
N LYS A 23 19.12 -0.08 15.31
CA LYS A 23 20.15 0.39 16.23
C LYS A 23 19.61 1.37 17.25
N ASP A 24 18.31 1.61 17.25
CA ASP A 24 17.64 2.46 18.23
C ASP A 24 16.61 1.61 18.99
N PRO A 25 17.06 0.60 19.74
CA PRO A 25 16.10 -0.33 20.34
C PRO A 25 15.14 0.32 21.32
N SER A 26 15.55 1.42 21.97
CA SER A 26 14.70 2.12 22.92
C SER A 26 13.72 3.06 22.24
N ALA A 27 13.81 3.20 20.93
CA ALA A 27 12.90 4.02 20.14
C ALA A 27 12.95 5.49 20.54
N PHE A 28 14.12 5.96 21.00
CA PHE A 28 14.24 7.37 21.35
C PHE A 28 14.11 8.30 20.15
N PHE A 29 14.45 7.81 18.95
CA PHE A 29 14.51 8.62 17.76
C PHE A 29 13.31 8.42 16.84
N SER A 30 12.27 7.74 17.33
CA SER A 30 11.18 7.33 16.45
C SER A 30 10.30 8.49 16.02
N PHE A 31 10.13 9.48 16.90
CA PHE A 31 9.13 10.54 16.71
C PHE A 31 9.74 11.89 17.05
N PRO A 32 9.12 12.98 16.59
CA PRO A 32 9.67 14.31 16.90
C PRO A 32 9.72 14.57 18.40
N VAL A 33 10.82 15.20 18.83
CA VAL A 33 10.93 15.68 20.21
C VAL A 33 10.11 16.96 20.34
N THR A 34 9.25 17.02 21.36
CA THR A 34 8.42 18.19 21.57
C THR A 34 8.95 18.98 22.75
N ASP A 35 8.48 20.21 22.89
CA ASP A 35 8.84 21.00 24.07
C ASP A 35 8.14 20.51 25.33
N PHE A 36 7.11 19.67 25.21
CA PHE A 36 6.54 19.03 26.40
C PHE A 36 7.49 17.97 26.94
N ILE A 37 8.13 17.21 26.03
CA ILE A 37 9.09 16.18 26.46
C ILE A 37 10.38 16.83 26.93
N ALA A 38 10.87 17.79 26.18
CA ALA A 38 12.21 18.35 26.35
C ALA A 38 12.07 19.86 26.43
N PRO A 39 11.98 20.40 27.65
CA PRO A 39 11.77 21.85 27.80
C PRO A 39 12.78 22.67 27.03
N GLY A 40 12.28 23.66 26.29
CA GLY A 40 13.12 24.55 25.52
C GLY A 40 13.74 23.96 24.28
N TYR A 41 13.32 22.75 23.87
CA TYR A 41 13.95 22.06 22.76
C TYR A 41 13.95 22.92 21.50
N SER A 42 12.80 23.54 21.20
CA SER A 42 12.64 24.28 19.96
C SER A 42 13.50 25.53 19.92
N MET A 43 13.90 26.04 21.09
CA MET A 43 14.79 27.21 21.12
C MET A 43 16.25 26.85 20.97
N ILE A 44 16.58 25.56 21.13
CA ILE A 44 17.96 25.09 21.07
C ILE A 44 18.26 24.42 19.73
N ILE A 45 17.30 23.66 19.22
CA ILE A 45 17.44 22.84 18.03
C ILE A 45 16.59 23.47 16.93
N LYS A 46 17.25 24.06 15.94
CA LYS A 46 16.54 24.80 14.90
C LYS A 46 16.16 23.94 13.71
N HIS A 47 16.80 22.80 13.52
CA HIS A 47 16.53 21.89 12.41
C HIS A 47 16.26 20.50 12.97
N PRO A 48 15.07 20.27 13.52
CA PRO A 48 14.76 18.96 14.11
C PRO A 48 14.64 17.87 13.06
N MET A 49 14.94 16.64 13.49
CA MET A 49 14.83 15.46 12.63
C MET A 49 14.56 14.24 13.50
N ASP A 50 13.84 13.27 12.93
CA ASP A 50 13.53 12.01 13.62
C ASP A 50 13.24 10.98 12.54
N PHE A 51 13.16 9.70 12.95
CA PHE A 51 12.95 8.66 11.95
C PHE A 51 11.59 8.78 11.27
N SER A 52 10.53 9.17 12.00
CA SER A 52 9.23 9.24 11.34
C SER A 52 9.22 10.33 10.28
N THR A 53 9.93 11.43 10.51
CA THR A 53 10.02 12.49 9.50
C THR A 53 10.81 12.00 8.29
N MET A 54 11.91 11.27 8.53
CA MET A 54 12.69 10.69 7.44
CA MET A 54 12.69 10.68 7.46
C MET A 54 11.85 9.71 6.63
N LYS A 55 11.09 8.86 7.30
CA LYS A 55 10.22 7.91 6.60
C LYS A 55 9.22 8.64 5.69
N GLU A 56 8.60 9.69 6.21
CA GLU A 56 7.66 10.48 5.39
C GLU A 56 8.39 11.12 4.20
N LYS A 57 9.61 11.60 4.41
CA LYS A 57 10.35 12.20 3.31
C LYS A 57 10.65 11.18 2.22
N ILE A 58 10.97 9.94 2.60
CA ILE A 58 11.16 8.89 1.60
C ILE A 58 9.88 8.70 0.82
N LYS A 59 8.76 8.54 1.53
CA LYS A 59 7.48 8.27 0.88
C LYS A 59 7.10 9.39 -0.08
N ASN A 60 7.43 10.64 0.28
CA ASN A 60 7.10 11.79 -0.54
C ASN A 60 8.11 12.03 -1.66
N ASN A 61 9.13 11.17 -1.79
CA ASN A 61 10.16 11.33 -2.80
C ASN A 61 10.90 12.66 -2.63
N ASP A 62 11.18 13.03 -1.37
CA ASP A 62 11.93 14.25 -1.08
C ASP A 62 13.44 14.06 -1.10
N TYR A 63 13.92 12.82 -1.07
CA TYR A 63 15.36 12.57 -1.09
C TYR A 63 15.81 12.33 -2.52
N GLN A 64 16.82 13.08 -2.95
CA GLN A 64 17.35 12.87 -4.28
C GLN A 64 18.56 11.95 -4.28
N SER A 65 19.05 11.54 -3.10
CA SER A 65 20.20 10.66 -3.02
C SER A 65 20.26 10.01 -1.65
N ILE A 66 21.03 8.92 -1.56
CA ILE A 66 21.29 8.33 -0.25
C ILE A 66 22.06 9.31 0.63
N GLU A 67 22.98 10.07 0.05
CA GLU A 67 23.74 11.02 0.86
C GLU A 67 22.84 12.01 1.58
N GLU A 68 21.71 12.41 0.96
CA GLU A 68 20.81 13.34 1.64
C GLU A 68 20.15 12.68 2.86
N LEU A 69 19.81 11.40 2.75
CA LEU A 69 19.31 10.69 3.92
C LEU A 69 20.40 10.61 5.00
N LYS A 70 21.64 10.31 4.59
CA LYS A 70 22.76 10.24 5.52
C LYS A 70 22.95 11.56 6.25
N ASP A 71 22.84 12.69 5.53
CA ASP A 71 22.91 14.01 6.16
C ASP A 71 21.83 14.17 7.22
N ASN A 72 20.59 13.79 6.89
CA ASN A 72 19.51 13.91 7.86
C ASN A 72 19.73 13.02 9.07
N PHE A 73 20.28 11.82 8.83
CA PHE A 73 20.56 10.90 9.93
C PHE A 73 21.61 11.49 10.87
N LYS A 74 22.69 12.06 10.33
CA LYS A 74 23.71 12.67 11.18
C LYS A 74 23.13 13.84 11.95
N LEU A 75 22.31 14.65 11.28
CA LEU A 75 21.68 15.78 11.96
C LEU A 75 20.86 15.33 13.15
N MET A 76 20.05 14.29 12.95
CA MET A 76 19.24 13.72 14.03
C MET A 76 20.08 13.37 15.25
N CYS A 77 21.22 12.72 15.02
CA CYS A 77 22.08 12.31 16.13
C CYS A 77 22.76 13.51 16.77
N THR A 78 23.24 14.44 15.94
CA THR A 78 23.92 15.63 16.45
C THR A 78 22.96 16.46 17.30
N ASN A 79 21.72 16.63 16.83
CA ASN A 79 20.75 17.38 17.63
C ASN A 79 20.63 16.83 19.04
N ALA A 80 20.59 15.50 19.17
CA ALA A 80 20.40 14.90 20.48
C ALA A 80 21.65 15.10 21.35
N MET A 81 22.82 15.16 20.72
CA MET A 81 24.02 15.44 21.49
C MET A 81 24.19 16.92 21.82
N ILE A 82 23.56 17.81 21.04
CA ILE A 82 23.57 19.23 21.36
C ILE A 82 22.62 19.53 22.52
N TYR A 83 21.40 18.98 22.46
CA TYR A 83 20.39 19.33 23.44
C TYR A 83 20.60 18.63 24.77
N ASN A 84 20.85 17.32 24.74
CA ASN A 84 20.96 16.53 25.96
C ASN A 84 22.37 16.57 26.53
N LYS A 85 22.47 16.48 27.87
CA LYS A 85 23.81 16.45 28.46
C LYS A 85 24.44 15.07 28.31
N PRO A 86 25.78 14.99 28.27
CA PRO A 86 26.45 13.71 28.05
C PRO A 86 26.08 12.59 29.02
N GLU A 87 25.72 12.91 30.25
CA GLU A 87 25.38 11.89 31.24
C GLU A 87 24.05 11.20 30.92
N THR A 88 23.21 11.78 30.08
CA THR A 88 21.84 11.29 29.93
C THR A 88 21.79 10.08 29.02
N ILE A 89 20.74 9.27 29.19
CA ILE A 89 20.55 8.12 28.31
C ILE A 89 20.36 8.55 26.86
N TYR A 90 19.77 9.73 26.63
CA TYR A 90 19.47 10.13 25.26
C TYR A 90 20.75 10.51 24.52
N TYR A 91 21.66 11.22 25.19
CA TYR A 91 22.95 11.55 24.58
C TYR A 91 23.74 10.28 24.27
N LYS A 92 23.81 9.38 25.25
CA LYS A 92 24.59 8.15 25.07
C LYS A 92 24.02 7.31 23.94
N ALA A 93 22.69 7.25 23.84
CA ALA A 93 22.05 6.54 22.73
C ALA A 93 22.38 7.17 21.39
N ALA A 94 22.39 8.52 21.35
CA ALA A 94 22.68 9.23 20.11
C ALA A 94 24.10 8.99 19.64
N LYS A 95 25.07 9.01 20.56
CA LYS A 95 26.47 8.78 20.19
C LYS A 95 26.64 7.37 19.63
N LYS A 96 26.02 6.38 20.28
CA LYS A 96 26.12 5.00 19.80
C LYS A 96 25.43 4.83 18.46
N LEU A 97 24.23 5.41 18.32
CA LEU A 97 23.49 5.32 17.06
C LEU A 97 24.25 5.97 15.91
N LEU A 98 24.84 7.14 16.17
CA LEU A 98 25.61 7.82 15.11
C LEU A 98 26.77 6.93 14.66
N HIS A 99 27.51 6.36 15.61
CA HIS A 99 28.68 5.56 15.26
C HIS A 99 28.26 4.32 14.48
N SER A 100 27.22 3.63 14.93
CA SER A 100 26.74 2.44 14.24
CA SER A 100 26.77 2.44 14.23
C SER A 100 26.17 2.78 12.89
N GLY A 101 25.42 3.89 12.83
CA GLY A 101 24.78 4.27 11.58
C GLY A 101 25.76 4.67 10.50
N MET A 102 26.87 5.29 10.89
CA MET A 102 27.88 5.67 9.90
C MET A 102 28.56 4.47 9.27
N LYS A 103 28.50 3.31 9.91
CA LYS A 103 29.04 2.12 9.28
C LYS A 103 28.02 1.47 8.36
N ILE A 104 26.73 1.54 8.72
CA ILE A 104 25.67 1.13 7.81
C ILE A 104 25.68 1.99 6.56
N LEU A 105 25.91 3.30 6.73
CA LEU A 105 25.92 4.28 5.64
C LEU A 105 27.34 4.62 5.19
N SER A 106 28.24 3.65 5.22
CA SER A 106 29.60 3.92 4.78
C SER A 106 29.61 4.33 3.31
N GLN A 107 30.61 5.13 2.96
CA GLN A 107 30.69 5.60 1.58
C GLN A 107 30.78 4.42 0.61
N GLU A 108 31.53 3.37 0.97
CA GLU A 108 31.61 2.22 0.06
C GLU A 108 30.28 1.50 -0.08
N ARG A 109 29.54 1.32 1.02
CA ARG A 109 28.22 0.71 0.90
C ARG A 109 27.30 1.57 0.05
N ILE A 110 27.36 2.89 0.22
CA ILE A 110 26.51 3.79 -0.55
C ILE A 110 26.82 3.68 -2.04
N GLN A 111 28.11 3.65 -2.39
CA GLN A 111 28.53 3.52 -3.78
C GLN A 111 27.95 2.26 -4.40
N SER A 112 27.99 1.14 -3.67
CA SER A 112 27.45 -0.12 -4.20
C SER A 112 25.95 -0.01 -4.44
N LEU A 113 25.23 0.62 -3.52
CA LEU A 113 23.79 0.78 -3.71
C LEU A 113 23.50 1.73 -4.86
N LYS A 114 24.29 2.79 -5.01
CA LYS A 114 24.06 3.71 -6.13
C LYS A 114 24.18 2.97 -7.46
N GLN A 115 25.16 2.07 -7.57
CA GLN A 115 25.36 1.31 -8.80
C GLN A 115 24.11 0.53 -9.17
N SER A 116 23.55 -0.18 -8.19
N SER A 116 23.55 -0.19 -8.20
CA SER A 116 22.38 -1.02 -8.45
CA SER A 116 22.39 -1.03 -8.50
C SER A 116 21.15 -0.18 -8.75
C SER A 116 21.14 -0.19 -8.73
N ILE A 117 21.01 0.95 -8.06
CA ILE A 117 19.90 1.87 -8.36
C ILE A 117 20.03 2.40 -9.79
N ASP A 118 21.24 2.78 -10.18
CA ASP A 118 21.46 3.31 -11.52
C ASP A 118 21.17 2.28 -12.59
N PHE A 119 21.46 1.00 -12.31
CA PHE A 119 21.28 -0.06 -13.31
C PHE A 119 19.83 -0.21 -13.73
N MET A 120 18.90 0.15 -12.87
CA MET A 120 17.49 0.04 -13.23
C MET A 120 17.03 1.14 -14.17
N ALA A 121 17.93 2.06 -14.56
CA ALA A 121 17.58 3.19 -15.40
C ALA A 121 18.09 2.99 -16.82
N ASP A 122 17.39 3.60 -17.78
CA ASP A 122 17.80 3.62 -19.18
C ASP A 122 17.92 2.21 -19.76
N LEU A 123 17.03 1.31 -19.33
CA LEU A 123 17.01 -0.05 -19.86
C LEU A 123 16.19 -0.18 -21.16
N GLU B 5 -6.32 15.36 -5.51
CA GLU B 5 -6.38 13.92 -5.43
C GLU B 5 -6.81 13.46 -4.04
N GLN B 6 -7.38 14.37 -3.26
CA GLN B 6 -8.05 14.01 -2.03
C GLN B 6 -9.57 13.97 -2.24
N THR B 7 -10.23 13.10 -1.49
CA THR B 7 -11.67 12.98 -1.64
C THR B 7 -12.38 14.16 -0.96
N PRO B 8 -13.64 14.40 -1.31
CA PRO B 8 -14.41 15.40 -0.56
C PRO B 8 -14.46 15.12 0.93
N LEU B 9 -14.53 13.84 1.30
CA LEU B 9 -14.55 13.51 2.73
C LEU B 9 -13.25 13.91 3.39
N GLN B 10 -12.12 13.55 2.76
CA GLN B 10 -10.82 13.95 3.30
C GLN B 10 -10.73 15.46 3.49
N GLU B 11 -11.17 16.23 2.49
CA GLU B 11 -11.07 17.68 2.60
C GLU B 11 -11.94 18.20 3.72
N ALA B 12 -13.16 17.65 3.86
CA ALA B 12 -14.03 18.04 4.97
C ALA B 12 -13.41 17.73 6.32
N LEU B 13 -12.79 16.55 6.45
CA LEU B 13 -12.21 16.19 7.74
C LEU B 13 -11.04 17.11 8.09
N ASN B 14 -10.21 17.47 7.11
CA ASN B 14 -9.12 18.40 7.39
C ASN B 14 -9.64 19.77 7.81
N GLN B 15 -10.74 20.23 7.20
CA GLN B 15 -11.31 21.51 7.61
C GLN B 15 -11.83 21.44 9.04
N LEU B 16 -12.52 20.35 9.40
CA LEU B 16 -12.98 20.20 10.77
C LEU B 16 -11.81 20.15 11.73
N MET B 17 -10.75 19.44 11.35
CA MET B 17 -9.57 19.36 12.18
C MET B 17 -8.99 20.73 12.48
N ARG B 18 -8.92 21.60 11.47
CA ARG B 18 -8.33 22.92 11.73
C ARG B 18 -9.21 23.72 12.68
N GLN B 19 -10.53 23.56 12.58
CA GLN B 19 -11.44 24.21 13.54
C GLN B 19 -11.24 23.67 14.95
N LEU B 20 -11.12 22.34 15.08
CA LEU B 20 -10.92 21.74 16.40
C LEU B 20 -9.58 22.16 16.98
N GLN B 21 -8.53 22.19 16.17
CA GLN B 21 -7.21 22.51 16.73
C GLN B 21 -7.11 23.97 17.16
N ARG B 22 -7.84 24.87 16.51
CA ARG B 22 -7.90 26.26 16.97
C ARG B 22 -8.39 26.37 18.40
N LYS B 23 -9.14 25.39 18.89
CA LYS B 23 -9.63 25.39 20.26
C LYS B 23 -8.60 24.84 21.25
N ASP B 24 -7.39 24.51 20.80
CA ASP B 24 -6.31 23.98 21.63
C ASP B 24 -5.07 24.87 21.46
N PRO B 25 -5.16 26.14 21.85
CA PRO B 25 -4.02 27.05 21.59
C PRO B 25 -2.76 26.64 22.32
N SER B 26 -2.90 25.94 23.44
CA SER B 26 -1.75 25.50 24.21
C SER B 26 -1.06 24.28 23.60
N ALA B 27 -1.63 23.71 22.53
CA ALA B 27 -1.06 22.54 21.85
C ALA B 27 -0.98 21.30 22.76
N PHE B 28 -1.82 21.23 23.79
CA PHE B 28 -1.80 20.06 24.68
C PHE B 28 -2.19 18.78 23.93
N PHE B 29 -2.98 18.91 22.87
CA PHE B 29 -3.53 17.76 22.15
C PHE B 29 -2.85 17.56 20.81
N SER B 30 -1.78 18.30 20.52
CA SER B 30 -1.16 18.22 19.20
C SER B 30 -0.39 16.93 18.98
N PHE B 31 0.24 16.39 20.00
CA PHE B 31 1.19 15.30 19.85
C PHE B 31 0.86 14.20 20.85
N PRO B 32 1.25 12.95 20.57
CA PRO B 32 0.92 11.87 21.50
C PRO B 32 1.51 12.11 22.88
N VAL B 33 0.73 11.78 23.92
CA VAL B 33 1.26 11.73 25.28
C VAL B 33 2.01 10.43 25.47
N THR B 34 3.16 10.50 26.13
CA THR B 34 4.05 9.37 26.29
C THR B 34 4.41 9.24 27.76
N ASP B 35 4.87 8.04 28.13
CA ASP B 35 5.37 7.82 29.48
C ASP B 35 6.56 8.70 29.82
N PHE B 36 7.23 9.30 28.82
CA PHE B 36 8.34 10.19 29.09
C PHE B 36 7.91 11.37 29.96
N ILE B 37 6.70 11.87 29.74
CA ILE B 37 6.19 13.03 30.49
C ILE B 37 5.06 12.67 31.42
N ALA B 38 4.35 11.57 31.18
CA ALA B 38 3.14 11.23 31.91
C ALA B 38 3.32 9.85 32.51
N PRO B 39 3.83 9.75 33.74
CA PRO B 39 4.13 8.43 34.32
C PRO B 39 2.92 7.50 34.28
N GLY B 40 3.16 6.28 33.81
CA GLY B 40 2.14 5.25 33.77
C GLY B 40 1.08 5.43 32.70
N TYR B 41 1.27 6.37 31.77
CA TYR B 41 0.23 6.67 30.79
C TYR B 41 -0.15 5.44 29.97
N SER B 42 0.84 4.69 29.51
CA SER B 42 0.54 3.56 28.61
C SER B 42 -0.17 2.43 29.32
N MET B 43 -0.10 2.36 30.65
CA MET B 43 -0.83 1.36 31.40
C MET B 43 -2.25 1.79 31.73
N ILE B 44 -2.53 3.09 31.67
CA ILE B 44 -3.84 3.64 32.01
C ILE B 44 -4.70 3.85 30.78
N ILE B 45 -4.08 4.31 29.69
CA ILE B 45 -4.80 4.67 28.48
C ILE B 45 -4.46 3.63 27.42
N LYS B 46 -5.41 2.74 27.13
CA LYS B 46 -5.16 1.65 26.20
C LYS B 46 -5.26 2.06 24.74
N HIS B 47 -5.98 3.15 24.42
CA HIS B 47 -6.20 3.58 23.04
C HIS B 47 -5.89 5.08 22.94
N PRO B 48 -4.61 5.43 22.83
CA PRO B 48 -4.24 6.86 22.79
C PRO B 48 -4.71 7.50 21.50
N MET B 49 -4.95 8.80 21.57
CA MET B 49 -5.35 9.56 20.39
C MET B 49 -4.89 11.00 20.57
N ASP B 50 -4.53 11.64 19.45
CA ASP B 50 -4.12 13.04 19.46
C ASP B 50 -4.33 13.60 18.06
N PHE B 51 -4.20 14.93 17.94
CA PHE B 51 -4.46 15.55 16.63
C PHE B 51 -3.47 15.10 15.56
N SER B 52 -2.21 14.84 15.91
CA SER B 52 -1.25 14.42 14.88
C SER B 52 -1.63 13.06 14.32
N THR B 53 -2.08 12.14 15.18
CA THR B 53 -2.55 10.85 14.72
C THR B 53 -3.80 10.98 13.86
N MET B 54 -4.74 11.83 14.27
CA MET B 54 -5.92 12.06 13.46
CA MET B 54 -5.93 12.11 13.47
C MET B 54 -5.55 12.64 12.09
N LYS B 55 -4.59 13.58 12.06
CA LYS B 55 -4.19 14.18 10.78
C LYS B 55 -3.61 13.12 9.85
N GLU B 56 -2.79 12.22 10.39
CA GLU B 56 -2.21 11.16 9.58
C GLU B 56 -3.30 10.20 9.09
N LYS B 57 -4.29 9.90 9.94
CA LYS B 57 -5.37 9.03 9.50
C LYS B 57 -6.18 9.66 8.36
N ILE B 58 -6.42 10.96 8.42
CA ILE B 58 -7.10 11.64 7.30
C ILE B 58 -6.29 11.49 6.03
N LYS B 59 -4.99 11.78 6.12
CA LYS B 59 -4.13 11.79 4.94
C LYS B 59 -4.02 10.40 4.33
N ASN B 60 -3.99 9.36 5.16
CA ASN B 60 -3.90 7.99 4.68
C ASN B 60 -5.25 7.42 4.25
N ASN B 61 -6.32 8.21 4.34
CA ASN B 61 -7.65 7.78 3.92
C ASN B 61 -8.19 6.67 4.83
N ASP B 62 -7.89 6.76 6.12
CA ASP B 62 -8.28 5.77 7.11
C ASP B 62 -9.67 6.00 7.70
N TYR B 63 -10.26 7.19 7.51
CA TYR B 63 -11.58 7.48 8.05
C TYR B 63 -12.64 7.18 7.00
N GLN B 64 -13.68 6.47 7.40
CA GLN B 64 -14.79 6.16 6.51
C GLN B 64 -15.97 7.10 6.70
N SER B 65 -15.98 7.90 7.75
CA SER B 65 -17.07 8.86 7.95
C SER B 65 -16.61 9.96 8.89
N ILE B 66 -17.35 11.06 8.86
CA ILE B 66 -17.11 12.13 9.83
C ILE B 66 -17.32 11.61 11.25
N GLU B 67 -18.32 10.74 11.42
CA GLU B 67 -18.62 10.19 12.73
C GLU B 67 -17.42 9.46 13.33
N GLU B 68 -16.60 8.82 12.49
CA GLU B 68 -15.40 8.16 13.01
C GLU B 68 -14.38 9.17 13.52
N LEU B 69 -14.23 10.30 12.83
CA LEU B 69 -13.39 11.37 13.36
C LEU B 69 -13.95 11.88 14.67
N LYS B 70 -15.27 12.10 14.72
CA LYS B 70 -15.87 12.60 15.96
C LYS B 70 -15.62 11.65 17.12
N ASP B 71 -15.72 10.33 16.85
CA ASP B 71 -15.43 9.35 17.90
C ASP B 71 -14.00 9.47 18.38
N ASN B 72 -13.04 9.62 17.45
CA ASN B 72 -11.65 9.76 17.85
C ASN B 72 -11.42 11.04 18.65
N PHE B 73 -12.11 12.13 18.26
CA PHE B 73 -11.99 13.38 18.99
C PHE B 73 -12.47 13.21 20.42
N LYS B 74 -13.62 12.55 20.59
CA LYS B 74 -14.13 12.32 21.94
C LYS B 74 -13.20 11.41 22.73
N LEU B 75 -12.62 10.41 22.07
CA LEU B 75 -11.71 9.50 22.78
C LEU B 75 -10.50 10.27 23.30
N MET B 76 -9.98 11.18 22.48
CA MET B 76 -8.85 12.01 22.87
C MET B 76 -9.18 12.78 24.15
N CYS B 77 -10.36 13.40 24.20
CA CYS B 77 -10.73 14.19 25.36
C CYS B 77 -11.01 13.30 26.56
N THR B 78 -11.71 12.18 26.34
CA THR B 78 -11.97 11.23 27.43
C THR B 78 -10.67 10.70 28.03
N ASN B 79 -9.70 10.34 27.18
CA ASN B 79 -8.42 9.84 27.67
C ASN B 79 -7.77 10.86 28.61
N ALA B 80 -7.81 12.13 28.23
CA ALA B 80 -7.17 13.17 29.03
C ALA B 80 -7.88 13.32 30.37
N MET B 81 -9.19 13.11 30.40
CA MET B 81 -9.94 13.20 31.65
C MET B 81 -9.84 11.94 32.50
N ILE B 82 -9.52 10.79 31.89
CA ILE B 82 -9.25 9.57 32.65
C ILE B 82 -7.88 9.63 33.29
N TYR B 83 -6.86 10.05 32.54
CA TYR B 83 -5.49 9.97 33.04
C TYR B 83 -5.18 11.09 34.01
N ASN B 84 -5.51 12.33 33.66
CA ASN B 84 -5.12 13.50 34.42
C ASN B 84 -6.14 13.75 35.52
N LYS B 85 -5.67 14.26 36.65
CA LYS B 85 -6.63 14.57 37.70
C LYS B 85 -7.39 15.85 37.39
N PRO B 86 -8.62 15.99 37.90
CA PRO B 86 -9.42 17.20 37.59
C PRO B 86 -8.76 18.54 37.90
N GLU B 87 -7.90 18.60 38.87
CA GLU B 87 -7.30 19.88 39.17
C GLU B 87 -6.23 20.32 38.16
N THR B 88 -5.80 19.43 37.28
CA THR B 88 -4.67 19.75 36.42
C THR B 88 -5.08 20.59 35.23
N ILE B 89 -4.09 21.30 34.66
CA ILE B 89 -4.35 22.09 33.47
CA ILE B 89 -4.38 22.09 33.46
C ILE B 89 -4.80 21.21 32.31
N TYR B 90 -4.28 19.99 32.22
CA TYR B 90 -4.59 19.15 31.08
C TYR B 90 -6.03 18.66 31.15
N TYR B 91 -6.48 18.27 32.35
CA TYR B 91 -7.88 17.86 32.50
C TYR B 91 -8.81 19.01 32.17
N LYS B 92 -8.52 20.19 32.72
CA LYS B 92 -9.41 21.34 32.49
C LYS B 92 -9.48 21.69 31.02
N ALA B 93 -8.34 21.61 30.32
CA ALA B 93 -8.29 21.90 28.89
C ALA B 93 -9.09 20.88 28.09
N ALA B 94 -9.03 19.60 28.49
CA ALA B 94 -9.80 18.57 27.79
C ALA B 94 -11.29 18.80 27.94
N LYS B 95 -11.74 19.15 29.14
CA LYS B 95 -13.17 19.37 29.35
C LYS B 95 -13.65 20.52 28.47
N LYS B 96 -12.85 21.60 28.40
CA LYS B 96 -13.20 22.76 27.58
C LYS B 96 -13.16 22.42 26.10
N LEU B 97 -12.12 21.69 25.68
CA LEU B 97 -12.04 21.28 24.28
C LEU B 97 -13.20 20.39 23.89
N LEU B 98 -13.54 19.41 24.75
CA LEU B 98 -14.66 18.54 24.42
C LEU B 98 -15.93 19.35 24.23
N HIS B 99 -16.19 20.29 25.14
CA HIS B 99 -17.40 21.10 25.05
C HIS B 99 -17.44 21.89 23.74
N SER B 100 -16.33 22.54 23.38
CA SER B 100 -16.31 23.34 22.17
CA SER B 100 -16.29 23.34 22.17
C SER B 100 -16.36 22.47 20.93
N GLY B 101 -15.67 21.34 20.96
CA GLY B 101 -15.63 20.46 19.78
C GLY B 101 -16.98 19.84 19.48
N MET B 102 -17.77 19.53 20.52
CA MET B 102 -19.08 18.96 20.28
C MET B 102 -20.01 19.93 19.59
N LYS B 103 -19.75 21.24 19.71
CA LYS B 103 -20.55 22.20 18.95
C LYS B 103 -20.04 22.32 17.52
N ILE B 104 -18.73 22.25 17.33
CA ILE B 104 -18.15 22.17 15.99
C ILE B 104 -18.64 20.92 15.27
N LEU B 105 -18.74 19.80 15.99
CA LEU B 105 -19.13 18.52 15.40
C LEU B 105 -20.59 18.18 15.69
N SER B 106 -21.48 19.17 15.71
CA SER B 106 -22.87 18.90 16.06
C SER B 106 -23.53 18.01 15.01
N GLN B 107 -24.53 17.26 15.44
CA GLN B 107 -25.20 16.37 14.50
C GLN B 107 -25.81 17.15 13.35
N GLU B 108 -26.40 18.31 13.63
CA GLU B 108 -27.03 19.08 12.56
C GLU B 108 -25.99 19.61 11.57
N ARG B 109 -24.81 20.02 12.07
CA ARG B 109 -23.74 20.46 11.17
C ARG B 109 -23.17 19.29 10.38
N ILE B 110 -23.03 18.11 11.02
CA ILE B 110 -22.53 16.93 10.32
C ILE B 110 -23.47 16.53 9.19
N GLN B 111 -24.78 16.63 9.44
CA GLN B 111 -25.76 16.35 8.40
C GLN B 111 -25.55 17.25 7.18
N SER B 112 -25.31 18.54 7.41
CA SER B 112 -25.07 19.45 6.29
C SER B 112 -23.83 19.04 5.50
N LEU B 113 -22.75 18.67 6.19
CA LEU B 113 -21.51 18.32 5.51
C LEU B 113 -21.65 17.03 4.72
N LYS B 114 -22.37 16.06 5.27
CA LYS B 114 -22.54 14.78 4.58
C LYS B 114 -23.27 14.98 3.26
N GLN B 115 -24.28 15.85 3.26
CA GLN B 115 -25.03 16.12 2.04
C GLN B 115 -24.12 16.68 0.95
N SER B 116 -23.28 17.64 1.30
N SER B 116 -23.27 17.64 1.31
CA SER B 116 -22.40 18.23 0.30
CA SER B 116 -22.39 18.24 0.31
C SER B 116 -21.33 17.23 -0.17
C SER B 116 -21.33 17.24 -0.16
N ILE B 117 -20.83 16.41 0.75
CA ILE B 117 -19.87 15.37 0.36
C ILE B 117 -20.50 14.40 -0.63
N ASP B 118 -21.75 14.01 -0.38
CA ASP B 118 -22.42 13.07 -1.29
C ASP B 118 -22.59 13.67 -2.68
N PHE B 119 -22.92 14.95 -2.76
CA PHE B 119 -23.09 15.58 -4.07
C PHE B 119 -21.75 15.69 -4.80
N MET B 120 -20.65 15.90 -4.07
CA MET B 120 -19.35 16.05 -4.70
C MET B 120 -18.72 14.72 -5.07
N ALA B 121 -19.27 13.60 -4.59
CA ALA B 121 -18.77 12.28 -4.94
C ALA B 121 -19.71 11.59 -5.93
N GLU C 5 -6.10 -10.88 10.21
CA GLU C 5 -5.39 -10.33 9.08
C GLU C 5 -6.37 -9.82 8.01
N GLN C 6 -7.51 -10.49 7.87
CA GLN C 6 -8.58 -10.06 6.99
C GLN C 6 -9.84 -9.80 7.82
N THR C 7 -10.66 -8.88 7.33
CA THR C 7 -11.89 -8.56 8.03
C THR C 7 -12.96 -9.59 7.74
N PRO C 8 -13.97 -9.71 8.59
CA PRO C 8 -15.09 -10.61 8.26
C PRO C 8 -15.68 -10.32 6.89
N LEU C 9 -15.75 -9.04 6.49
CA LEU C 9 -16.30 -8.72 5.18
C LEU C 9 -15.40 -9.26 4.08
N GLN C 10 -14.09 -9.03 4.19
CA GLN C 10 -13.16 -9.54 3.20
C GLN C 10 -13.28 -11.05 3.07
N GLU C 11 -13.34 -11.75 4.20
CA GLU C 11 -13.43 -13.21 4.14
C GLU C 11 -14.73 -13.65 3.48
N ALA C 12 -15.84 -12.94 3.73
CA ALA C 12 -17.10 -13.30 3.12
C ALA C 12 -17.07 -13.04 1.61
N LEU C 13 -16.48 -11.91 1.21
CA LEU C 13 -16.41 -11.60 -0.21
C LEU C 13 -15.60 -12.65 -0.95
N ASN C 14 -14.51 -13.12 -0.35
CA ASN C 14 -13.71 -14.15 -0.98
C ASN C 14 -14.49 -15.46 -1.11
N GLN C 15 -15.27 -15.82 -0.09
CA GLN C 15 -16.08 -17.02 -0.21
C GLN C 15 -17.10 -16.89 -1.33
N LEU C 16 -17.75 -15.72 -1.42
CA LEU C 16 -18.73 -15.50 -2.49
C LEU C 16 -18.05 -15.54 -3.86
N MET C 17 -16.86 -14.94 -3.97
CA MET C 17 -16.14 -14.99 -5.23
C MET C 17 -15.84 -16.43 -5.62
N ARG C 18 -15.45 -17.27 -4.66
CA ARG C 18 -15.22 -18.69 -4.99
C ARG C 18 -16.49 -19.34 -5.52
N GLN C 19 -17.64 -19.04 -4.90
CA GLN C 19 -18.90 -19.63 -5.36
C GLN C 19 -19.23 -19.15 -6.77
N LEU C 20 -19.01 -17.87 -7.05
CA LEU C 20 -19.30 -17.33 -8.37
C LEU C 20 -18.39 -17.92 -9.42
N GLN C 21 -17.10 -18.08 -9.12
CA GLN C 21 -16.18 -18.59 -10.12
C GLN C 21 -16.50 -20.03 -10.46
N ARG C 22 -17.08 -20.79 -9.53
CA ARG C 22 -17.48 -22.16 -9.85
C ARG C 22 -18.54 -22.19 -10.93
N LYS C 23 -19.32 -21.12 -11.07
CA LYS C 23 -20.33 -21.01 -12.10
C LYS C 23 -19.78 -20.46 -13.41
N ASP C 24 -18.45 -20.33 -13.52
CA ASP C 24 -17.75 -19.99 -14.77
C ASP C 24 -16.76 -21.13 -15.04
N PRO C 25 -17.26 -22.31 -15.39
CA PRO C 25 -16.37 -23.48 -15.48
C PRO C 25 -15.32 -23.36 -16.56
N SER C 26 -15.58 -22.60 -17.62
CA SER C 26 -14.59 -22.42 -18.69
C SER C 26 -13.62 -21.28 -18.41
N ALA C 27 -13.75 -20.60 -17.27
CA ALA C 27 -12.81 -19.56 -16.84
C ALA C 27 -12.75 -18.40 -17.83
N PHE C 28 -13.89 -18.10 -18.47
CA PHE C 28 -13.95 -16.99 -19.41
C PHE C 28 -13.74 -15.66 -18.73
N PHE C 29 -14.08 -15.57 -17.44
CA PHE C 29 -14.13 -14.30 -16.73
C PHE C 29 -12.92 -14.10 -15.81
N SER C 30 -11.89 -14.95 -15.96
CA SER C 30 -10.78 -14.94 -15.00
C SER C 30 -9.89 -13.71 -15.14
N PHE C 31 -9.63 -13.25 -16.36
CA PHE C 31 -8.64 -12.22 -16.59
C PHE C 31 -9.22 -11.13 -17.48
N PRO C 32 -8.61 -9.94 -17.47
CA PRO C 32 -9.16 -8.83 -18.27
C PRO C 32 -9.20 -9.17 -19.75
N VAL C 33 -10.24 -8.70 -20.42
CA VAL C 33 -10.33 -8.84 -21.88
C VAL C 33 -9.52 -7.73 -22.54
N THR C 34 -8.69 -8.10 -23.52
CA THR C 34 -7.89 -7.15 -24.28
C THR C 34 -8.38 -7.05 -25.72
N ASP C 35 -7.91 -6.02 -26.42
CA ASP C 35 -8.32 -5.82 -27.81
C ASP C 35 -7.68 -6.83 -28.76
N PHE C 36 -6.62 -7.49 -28.32
CA PHE C 36 -6.01 -8.53 -29.14
C PHE C 36 -6.83 -9.81 -29.10
N ILE C 37 -7.32 -10.15 -27.92
CA ILE C 37 -8.19 -11.32 -27.75
C ILE C 37 -9.56 -11.06 -28.38
N ALA C 38 -10.09 -9.85 -28.19
CA ALA C 38 -11.45 -9.50 -28.57
C ALA C 38 -11.39 -8.16 -29.31
N PRO C 39 -11.20 -8.19 -30.63
CA PRO C 39 -10.95 -6.95 -31.37
C PRO C 39 -12.08 -5.94 -31.22
N GLY C 40 -11.71 -4.71 -30.88
CA GLY C 40 -12.67 -3.63 -30.70
C GLY C 40 -13.25 -3.51 -29.31
N TYR C 41 -12.71 -4.23 -28.33
CA TYR C 41 -13.31 -4.26 -27.00
C TYR C 41 -13.20 -2.90 -26.30
N SER C 42 -12.01 -2.28 -26.39
CA SER C 42 -11.67 -1.09 -25.60
C SER C 42 -12.65 0.06 -25.78
N MET C 43 -13.26 0.20 -26.95
CA MET C 43 -14.11 1.34 -27.24
C MET C 43 -15.59 0.98 -27.25
N ILE C 44 -15.92 -0.29 -27.01
CA ILE C 44 -17.28 -0.73 -26.75
C ILE C 44 -17.56 -0.80 -25.26
N ILE C 45 -16.59 -1.29 -24.51
CA ILE C 45 -16.69 -1.54 -23.08
C ILE C 45 -15.80 -0.52 -22.37
N LYS C 46 -16.41 0.47 -21.70
CA LYS C 46 -15.63 1.52 -21.05
C LYS C 46 -15.31 1.22 -19.59
N HIS C 47 -16.04 0.31 -18.95
CA HIS C 47 -15.78 -0.06 -17.55
C HIS C 47 -15.56 -1.56 -17.47
N PRO C 48 -14.37 -2.05 -17.84
CA PRO C 48 -14.11 -3.48 -17.80
C PRO C 48 -14.05 -4.02 -16.38
N MET C 49 -14.28 -5.33 -16.27
CA MET C 49 -14.25 -6.00 -14.97
C MET C 49 -14.06 -7.49 -15.22
N ASP C 50 -13.40 -8.15 -14.27
CA ASP C 50 -13.12 -9.58 -14.36
C ASP C 50 -12.80 -10.09 -12.95
N PHE C 51 -12.74 -11.42 -12.81
CA PHE C 51 -12.56 -12.00 -11.48
C PHE C 51 -11.19 -11.66 -10.89
N SER C 52 -10.14 -11.55 -11.70
CA SER C 52 -8.84 -11.21 -11.13
C SER C 52 -8.85 -9.80 -10.54
N THR C 53 -9.52 -8.86 -11.22
CA THR C 53 -9.64 -7.52 -10.69
C THR C 53 -10.47 -7.51 -9.42
N MET C 54 -11.57 -8.25 -9.40
CA MET C 54 -12.40 -8.36 -8.19
CA MET C 54 -12.39 -8.32 -8.19
C MET C 54 -11.60 -8.92 -7.03
N LYS C 55 -10.80 -9.96 -7.28
CA LYS C 55 -10.00 -10.56 -6.22
C LYS C 55 -9.01 -9.56 -5.64
N GLU C 56 -8.39 -8.76 -6.50
CA GLU C 56 -7.45 -7.76 -6.01
C GLU C 56 -8.15 -6.68 -5.20
N LYS C 57 -9.36 -6.29 -5.63
CA LYS C 57 -10.11 -5.28 -4.88
C LYS C 57 -10.48 -5.79 -3.49
N ILE C 58 -10.86 -7.07 -3.38
CA ILE C 58 -11.11 -7.65 -2.07
C ILE C 58 -9.87 -7.57 -1.20
N LYS C 59 -8.74 -8.03 -1.74
CA LYS C 59 -7.51 -8.09 -0.94
C LYS C 59 -7.04 -6.70 -0.55
N ASN C 60 -7.27 -5.69 -1.40
CA ASN C 60 -6.92 -4.31 -1.07
C ASN C 60 -7.96 -3.62 -0.23
N ASN C 61 -9.03 -4.32 0.17
CA ASN C 61 -10.11 -3.74 0.95
C ASN C 61 -10.78 -2.57 0.22
N ASP C 62 -11.02 -2.74 -1.08
CA ASP C 62 -11.67 -1.72 -1.88
C ASP C 62 -13.19 -1.83 -1.84
N TYR C 63 -13.75 -2.94 -1.38
CA TYR C 63 -15.20 -3.10 -1.27
C TYR C 63 -15.64 -2.71 0.13
N GLN C 64 -16.64 -1.84 0.21
CA GLN C 64 -17.22 -1.50 1.50
C GLN C 64 -18.48 -2.28 1.79
N SER C 65 -18.97 -3.09 0.85
CA SER C 65 -20.18 -3.87 1.09
C SER C 65 -20.23 -5.01 0.09
N ILE C 66 -21.03 -6.03 0.43
CA ILE C 66 -21.30 -7.10 -0.53
C ILE C 66 -21.95 -6.52 -1.78
N GLU C 67 -22.85 -5.54 -1.59
CA GLU C 67 -23.58 -4.95 -2.72
C GLU C 67 -22.63 -4.36 -3.76
N GLU C 68 -21.51 -3.80 -3.32
CA GLU C 68 -20.54 -3.29 -4.28
C GLU C 68 -19.89 -4.42 -5.08
N LEU C 69 -19.61 -5.55 -4.45
CA LEU C 69 -19.10 -6.70 -5.20
C LEU C 69 -20.17 -7.20 -6.18
N LYS C 70 -21.43 -7.21 -5.73
CA LYS C 70 -22.51 -7.63 -6.62
C LYS C 70 -22.60 -6.73 -7.84
N ASP C 71 -22.47 -5.42 -7.64
CA ASP C 71 -22.51 -4.49 -8.76
C ASP C 71 -21.39 -4.77 -9.75
N ASN C 72 -20.19 -5.04 -9.25
CA ASN C 72 -19.07 -5.37 -10.13
C ASN C 72 -19.33 -6.67 -10.87
N PHE C 73 -19.92 -7.64 -10.19
CA PHE C 73 -20.24 -8.92 -10.84
C PHE C 73 -21.26 -8.71 -11.95
N LYS C 74 -22.29 -7.92 -11.67
CA LYS C 74 -23.32 -7.63 -12.65
C LYS C 74 -22.69 -6.96 -13.87
N LEU C 75 -21.83 -5.98 -13.61
CA LEU C 75 -21.14 -5.25 -14.69
C LEU C 75 -20.32 -6.21 -15.55
N MET C 76 -19.61 -7.13 -14.91
CA MET C 76 -18.82 -8.10 -15.66
CA MET C 76 -18.83 -8.15 -15.62
C MET C 76 -19.68 -8.87 -16.65
N CYS C 77 -20.85 -9.36 -16.19
CA CYS C 77 -21.74 -10.13 -17.04
C CYS C 77 -22.34 -9.24 -18.12
N THR C 78 -22.72 -8.01 -17.76
CA THR C 78 -23.30 -7.07 -18.73
C THR C 78 -22.31 -6.77 -19.84
N ASN C 79 -21.05 -6.49 -19.46
CA ASN C 79 -20.03 -6.22 -20.48
C ASN C 79 -19.95 -7.36 -21.49
N ALA C 80 -19.97 -8.60 -21.01
CA ALA C 80 -19.82 -9.73 -21.93
C ALA C 80 -21.03 -9.88 -22.83
N MET C 81 -22.21 -9.48 -22.36
CA MET C 81 -23.40 -9.57 -23.19
C MET C 81 -23.58 -8.35 -24.08
N ILE C 82 -22.92 -7.23 -23.75
CA ILE C 82 -22.87 -6.09 -24.67
C ILE C 82 -21.93 -6.38 -25.83
N TYR C 83 -20.74 -6.92 -25.53
CA TYR C 83 -19.71 -7.07 -26.55
C TYR C 83 -19.93 -8.30 -27.42
N ASN C 84 -20.21 -9.45 -26.80
CA ASN C 84 -20.35 -10.70 -27.54
C ASN C 84 -21.77 -10.86 -28.07
N LYS C 85 -21.91 -11.47 -29.27
CA LYS C 85 -23.25 -11.66 -29.80
C LYS C 85 -23.91 -12.88 -29.16
N PRO C 86 -25.25 -12.88 -29.05
CA PRO C 86 -25.95 -13.97 -28.35
C PRO C 86 -25.62 -15.37 -28.82
N GLU C 87 -25.21 -15.56 -30.08
CA GLU C 87 -24.89 -16.88 -30.59
C GLU C 87 -23.58 -17.43 -30.05
N THR C 88 -22.74 -16.59 -29.46
CA THR C 88 -21.38 -16.99 -29.10
C THR C 88 -21.37 -17.74 -27.77
N ILE C 89 -20.34 -18.57 -27.59
CA ILE C 89 -20.18 -19.27 -26.31
C ILE C 89 -19.95 -18.29 -25.16
N TYR C 90 -19.32 -17.14 -25.44
CA TYR C 90 -19.03 -16.19 -24.38
C TYR C 90 -20.30 -15.52 -23.88
N TYR C 91 -21.21 -15.18 -24.78
CA TYR C 91 -22.48 -14.59 -24.36
C TYR C 91 -23.31 -15.60 -23.56
N LYS C 92 -23.42 -16.83 -24.09
CA LYS C 92 -24.23 -17.83 -23.41
C LYS C 92 -23.68 -18.12 -22.03
N ALA C 93 -22.35 -18.15 -21.89
CA ALA C 93 -21.75 -18.36 -20.58
C ALA C 93 -22.02 -17.18 -19.66
N ALA C 94 -22.00 -15.96 -20.20
CA ALA C 94 -22.25 -14.79 -19.37
C ALA C 94 -23.69 -14.77 -18.85
N LYS C 95 -24.64 -15.12 -19.72
CA LYS C 95 -26.04 -15.16 -19.30
C LYS C 95 -26.28 -16.21 -18.23
N LYS C 96 -25.67 -17.39 -18.37
CA LYS C 96 -25.80 -18.41 -17.34
C LYS C 96 -25.09 -17.99 -16.06
N LEU C 97 -23.90 -17.37 -16.17
CA LEU C 97 -23.19 -16.93 -14.97
C LEU C 97 -23.99 -15.90 -14.22
N LEU C 98 -24.59 -14.94 -14.93
CA LEU C 98 -25.41 -13.93 -14.27
C LEU C 98 -26.60 -14.58 -13.58
N HIS C 99 -27.27 -15.51 -14.26
CA HIS C 99 -28.42 -16.19 -13.67
C HIS C 99 -28.04 -16.91 -12.36
N SER C 100 -26.99 -17.71 -12.41
CA SER C 100 -26.56 -18.42 -11.20
CA SER C 100 -26.54 -18.42 -11.21
C SER C 100 -26.06 -17.45 -10.15
N GLY C 101 -25.32 -16.42 -10.57
CA GLY C 101 -24.78 -15.46 -9.64
C GLY C 101 -25.85 -14.67 -8.92
N MET C 102 -26.96 -14.39 -9.59
CA MET C 102 -28.03 -13.64 -8.92
C MET C 102 -28.67 -14.45 -7.80
N LYS C 103 -28.56 -15.78 -7.83
CA LYS C 103 -28.98 -16.59 -6.70
C LYS C 103 -27.95 -16.54 -5.57
N ILE C 104 -26.68 -16.76 -5.91
CA ILE C 104 -25.60 -16.71 -4.92
C ILE C 104 -25.62 -15.37 -4.19
N LEU C 105 -25.93 -14.30 -4.91
CA LEU C 105 -25.93 -12.95 -4.34
C LEU C 105 -27.35 -12.42 -4.19
N SER C 106 -28.32 -13.31 -3.96
CA SER C 106 -29.70 -12.82 -3.80
C SER C 106 -29.79 -11.92 -2.57
N GLN C 107 -30.72 -10.98 -2.65
CA GLN C 107 -30.96 -10.06 -1.58
C GLN C 107 -31.19 -10.79 -0.24
N GLU C 108 -32.05 -11.79 -0.25
CA GLU C 108 -32.39 -12.50 0.97
C GLU C 108 -31.18 -13.26 1.51
N ARG C 109 -30.33 -13.79 0.62
CA ARG C 109 -29.11 -14.44 1.09
C ARG C 109 -28.10 -13.43 1.59
N ILE C 110 -27.99 -12.28 0.93
CA ILE C 110 -27.06 -11.23 1.34
C ILE C 110 -27.41 -10.72 2.73
N GLN C 111 -28.71 -10.62 3.04
CA GLN C 111 -29.14 -10.20 4.36
C GLN C 111 -28.54 -11.09 5.46
N SER C 112 -28.61 -12.41 5.28
CA SER C 112 -28.10 -13.30 6.31
C SER C 112 -26.60 -13.14 6.51
N LEU C 113 -25.86 -12.90 5.42
CA LEU C 113 -24.42 -12.74 5.50
C LEU C 113 -24.04 -11.45 6.21
N LYS C 114 -24.77 -10.37 5.94
CA LYS C 114 -24.47 -9.09 6.57
C LYS C 114 -24.63 -9.17 8.08
N GLN C 115 -25.66 -9.88 8.53
CA GLN C 115 -25.90 -10.06 9.96
C GLN C 115 -24.70 -10.73 10.63
N SER C 116 -24.20 -11.81 10.03
N SER C 116 -24.20 -11.82 10.03
CA SER C 116 -23.07 -12.52 10.63
CA SER C 116 -23.07 -12.52 10.63
C SER C 116 -21.81 -11.66 10.59
C SER C 116 -21.81 -11.66 10.59
N ILE C 117 -21.61 -10.89 9.52
CA ILE C 117 -20.45 -10.01 9.43
C ILE C 117 -20.49 -8.97 10.54
N ASP C 118 -21.66 -8.35 10.74
CA ASP C 118 -21.80 -7.35 11.80
C ASP C 118 -21.52 -7.96 13.17
N PHE C 119 -21.95 -9.20 13.39
CA PHE C 119 -21.72 -9.81 14.71
C PHE C 119 -20.24 -10.09 14.93
N MET C 120 -19.50 -10.39 13.87
CA MET C 120 -18.09 -10.76 14.02
C MET C 120 -17.16 -9.56 14.13
N ALA C 121 -17.71 -8.35 14.24
CA ALA C 121 -16.93 -7.17 14.56
C ALA C 121 -17.13 -6.78 16.02
N GLU D 5 8.11 -5.32 5.35
CA GLU D 5 7.08 -5.94 4.52
C GLU D 5 7.71 -6.93 3.52
N GLN D 6 8.54 -6.43 2.61
CA GLN D 6 9.17 -7.25 1.59
C GLN D 6 10.69 -7.24 1.77
N THR D 7 11.32 -8.33 1.32
CA THR D 7 12.76 -8.47 1.43
C THR D 7 13.46 -7.71 0.31
N PRO D 8 14.75 -7.41 0.46
CA PRO D 8 15.48 -6.79 -0.66
C PRO D 8 15.42 -7.63 -1.91
N LEU D 9 15.44 -8.96 -1.78
CA LEU D 9 15.34 -9.81 -2.97
C LEU D 9 13.98 -9.62 -3.66
N GLN D 10 12.90 -9.65 -2.89
CA GLN D 10 11.57 -9.44 -3.47
C GLN D 10 11.48 -8.10 -4.19
N GLU D 11 12.03 -7.05 -3.57
CA GLU D 11 11.94 -5.73 -4.18
C GLU D 11 12.77 -5.67 -5.46
N ALA D 12 13.93 -6.34 -5.47
CA ALA D 12 14.74 -6.41 -6.68
C ALA D 12 14.00 -7.17 -7.77
N LEU D 13 13.36 -8.27 -7.41
CA LEU D 13 12.65 -9.05 -8.42
C LEU D 13 11.50 -8.26 -9.00
N ASN D 14 10.79 -7.50 -8.17
CA ASN D 14 9.68 -6.71 -8.69
C ASN D 14 10.17 -5.60 -9.61
N GLN D 15 11.31 -4.98 -9.29
CA GLN D 15 11.85 -3.96 -10.17
C GLN D 15 12.26 -4.56 -11.51
N LEU D 16 12.91 -5.73 -11.47
CA LEU D 16 13.28 -6.41 -12.72
C LEU D 16 12.04 -6.77 -13.52
N MET D 17 11.02 -7.29 -12.85
CA MET D 17 9.79 -7.65 -13.55
C MET D 17 9.18 -6.43 -14.23
N ARG D 18 9.19 -5.28 -13.55
CA ARG D 18 8.64 -4.08 -14.17
C ARG D 18 9.47 -3.66 -15.38
N GLN D 19 10.79 -3.83 -15.32
CA GLN D 19 11.62 -3.50 -16.47
C GLN D 19 11.35 -4.46 -17.63
N LEU D 20 11.13 -5.74 -17.33
CA LEU D 20 10.83 -6.70 -18.40
C LEU D 20 9.48 -6.40 -19.05
N GLN D 21 8.50 -5.99 -18.25
CA GLN D 21 7.17 -5.75 -18.82
C GLN D 21 7.17 -4.55 -19.75
N ARG D 22 8.06 -3.59 -19.53
CA ARG D 22 8.18 -2.46 -20.46
C ARG D 22 8.67 -2.90 -21.83
N LYS D 23 9.35 -4.04 -21.93
CA LYS D 23 9.75 -4.60 -23.21
C LYS D 23 8.65 -5.45 -23.83
N ASP D 24 7.47 -5.50 -23.20
CA ASP D 24 6.26 -6.12 -23.75
C ASP D 24 5.20 -5.04 -23.85
N PRO D 25 5.38 -4.06 -24.76
CA PRO D 25 4.46 -2.91 -24.79
C PRO D 25 3.02 -3.27 -25.09
N SER D 26 2.76 -4.34 -25.84
CA SER D 26 1.38 -4.72 -26.14
C SER D 26 0.74 -5.57 -25.05
N ALA D 27 1.48 -5.89 -23.98
CA ALA D 27 0.98 -6.63 -22.82
C ALA D 27 0.51 -8.03 -23.20
N PHE D 28 1.16 -8.65 -24.19
CA PHE D 28 0.83 -10.01 -24.61
C PHE D 28 1.07 -11.01 -23.49
N PHE D 29 2.03 -10.72 -22.61
CA PHE D 29 2.50 -11.69 -21.62
C PHE D 29 1.91 -11.46 -20.24
N SER D 30 0.88 -10.63 -20.13
CA SER D 30 0.41 -10.20 -18.81
C SER D 30 -0.37 -11.30 -18.10
N PHE D 31 -1.12 -12.11 -18.83
CA PHE D 31 -2.04 -13.08 -18.25
C PHE D 31 -1.87 -14.45 -18.87
N PRO D 32 -2.31 -15.50 -18.18
CA PRO D 32 -2.15 -16.86 -18.74
C PRO D 32 -2.85 -16.99 -20.09
N VAL D 33 -2.21 -17.75 -20.99
CA VAL D 33 -2.83 -18.11 -22.26
C VAL D 33 -3.75 -19.30 -22.04
N THR D 34 -4.94 -19.24 -22.63
CA THR D 34 -5.93 -20.29 -22.51
C THR D 34 -6.21 -20.89 -23.88
N ASP D 35 -6.88 -22.05 -23.86
CA ASP D 35 -7.20 -22.74 -25.09
C ASP D 35 -8.32 -22.08 -25.87
N PHE D 36 -9.06 -21.16 -25.23
CA PHE D 36 -10.08 -20.41 -25.94
C PHE D 36 -9.46 -19.23 -26.67
N ILE D 37 -8.48 -18.59 -26.03
CA ILE D 37 -7.71 -17.53 -26.68
C ILE D 37 -6.84 -18.11 -27.78
N ALA D 38 -6.20 -19.24 -27.51
CA ALA D 38 -5.18 -19.81 -28.37
C ALA D 38 -5.47 -21.29 -28.53
N PRO D 39 -6.22 -21.66 -29.56
CA PRO D 39 -6.71 -23.04 -29.67
C PRO D 39 -5.56 -24.05 -29.69
N GLY D 40 -5.70 -25.11 -28.89
CA GLY D 40 -4.72 -26.16 -28.81
C GLY D 40 -3.54 -25.90 -27.90
N TYR D 41 -3.59 -24.85 -27.07
CA TYR D 41 -2.42 -24.45 -26.30
C TYR D 41 -2.09 -25.49 -25.21
N SER D 42 -3.13 -25.99 -24.52
CA SER D 42 -3.03 -26.95 -23.42
C SER D 42 -2.05 -28.09 -23.65
N MET D 43 -2.03 -28.68 -24.85
CA MET D 43 -1.26 -29.89 -25.06
C MET D 43 -0.06 -29.66 -25.96
N ILE D 44 0.25 -28.39 -26.27
CA ILE D 44 1.52 -28.02 -26.87
C ILE D 44 2.47 -27.45 -25.84
N ILE D 45 1.92 -26.69 -24.90
CA ILE D 45 2.67 -26.04 -23.83
C ILE D 45 2.21 -26.67 -22.51
N LYS D 46 3.09 -27.43 -21.87
CA LYS D 46 2.72 -28.10 -20.62
C LYS D 46 3.17 -27.35 -19.37
N HIS D 47 4.07 -26.36 -19.48
CA HIS D 47 4.53 -25.59 -18.33
C HIS D 47 4.32 -24.12 -18.64
N PRO D 48 3.09 -23.64 -18.54
CA PRO D 48 2.80 -22.24 -18.89
C PRO D 48 3.41 -21.27 -17.88
N MET D 49 3.62 -20.04 -18.36
CA MET D 49 4.13 -18.96 -17.51
C MET D 49 3.68 -17.63 -18.10
N ASP D 50 3.54 -16.63 -17.24
CA ASP D 50 3.11 -15.30 -17.65
C ASP D 50 3.49 -14.33 -16.54
N PHE D 51 3.41 -13.04 -16.86
CA PHE D 51 3.80 -12.02 -15.87
C PHE D 51 2.91 -12.00 -14.64
N SER D 52 1.60 -12.26 -14.77
CA SER D 52 0.76 -12.27 -13.59
CA SER D 52 0.77 -12.26 -13.57
C SER D 52 1.19 -13.37 -12.62
N THR D 53 1.55 -14.55 -13.16
CA THR D 53 2.02 -15.64 -12.32
C THR D 53 3.37 -15.31 -11.68
N MET D 54 4.30 -14.76 -12.46
CA MET D 54 5.58 -14.30 -11.92
C MET D 54 5.39 -13.33 -10.75
N LYS D 55 4.46 -12.37 -10.90
CA LYS D 55 4.23 -11.39 -9.85
C LYS D 55 3.74 -12.05 -8.57
N GLU D 56 2.82 -13.01 -8.70
CA GLU D 56 2.34 -13.73 -7.54
C GLU D 56 3.43 -14.59 -6.91
N LYS D 57 4.31 -15.17 -7.72
CA LYS D 57 5.42 -15.92 -7.16
C LYS D 57 6.36 -15.01 -6.37
N ILE D 58 6.64 -13.80 -6.87
CA ILE D 58 7.44 -12.85 -6.10
C ILE D 58 6.79 -12.57 -4.76
N LYS D 59 5.50 -12.19 -4.78
CA LYS D 59 4.84 -11.80 -3.55
C LYS D 59 4.75 -12.96 -2.57
N ASN D 60 4.60 -14.18 -3.08
CA ASN D 60 4.51 -15.36 -2.23
C ASN D 60 5.87 -15.86 -1.77
N ASN D 61 6.94 -15.14 -2.08
CA ASN D 61 8.30 -15.51 -1.68
C ASN D 61 8.65 -16.90 -2.22
N ASP D 62 8.28 -17.17 -3.47
CA ASP D 62 8.57 -18.43 -4.12
C ASP D 62 9.94 -18.45 -4.80
N TYR D 63 10.49 -17.29 -5.13
CA TYR D 63 11.76 -17.20 -5.83
C TYR D 63 12.89 -17.10 -4.81
N GLN D 64 13.84 -18.00 -4.90
CA GLN D 64 14.98 -17.98 -3.98
C GLN D 64 16.15 -17.19 -4.55
N SER D 65 16.12 -16.87 -5.84
CA SER D 65 17.21 -16.16 -6.49
C SER D 65 16.68 -15.44 -7.71
N ILE D 66 17.47 -14.47 -8.19
CA ILE D 66 17.14 -13.80 -9.44
C ILE D 66 17.20 -14.79 -10.59
N GLU D 67 18.14 -15.75 -10.53
CA GLU D 67 18.27 -16.73 -11.59
C GLU D 67 16.99 -17.56 -11.77
N GLU D 68 16.26 -17.83 -10.68
CA GLU D 68 15.01 -18.57 -10.82
C GLU D 68 13.96 -17.74 -11.56
N LEU D 69 13.90 -16.43 -11.31
CA LEU D 69 13.01 -15.57 -12.10
C LEU D 69 13.44 -15.54 -13.56
N LYS D 70 14.75 -15.43 -13.80
CA LYS D 70 15.26 -15.44 -15.17
C LYS D 70 14.83 -16.71 -15.90
N ASP D 71 14.91 -17.85 -15.23
CA ASP D 71 14.48 -19.11 -15.83
C ASP D 71 13.00 -19.07 -16.19
N ASN D 72 12.15 -18.57 -15.29
CA ASN D 72 10.73 -18.48 -15.61
C ASN D 72 10.50 -17.52 -16.77
N PHE D 73 11.26 -16.42 -16.81
CA PHE D 73 11.12 -15.46 -17.91
C PHE D 73 11.48 -16.11 -19.24
N LYS D 74 12.60 -16.84 -19.29
CA LYS D 74 12.95 -17.53 -20.55
C LYS D 74 11.90 -18.56 -20.94
N LEU D 75 11.33 -19.28 -19.96
CA LEU D 75 10.30 -20.26 -20.27
C LEU D 75 9.08 -19.61 -20.90
N MET D 76 8.65 -18.48 -20.33
CA MET D 76 7.54 -17.71 -20.87
C MET D 76 7.76 -17.35 -22.33
N CYS D 77 8.96 -16.85 -22.65
CA CYS D 77 9.26 -16.47 -24.02
C CYS D 77 9.34 -17.70 -24.93
N THR D 78 9.98 -18.77 -24.46
CA THR D 78 10.09 -20.00 -25.25
C THR D 78 8.72 -20.59 -25.57
N ASN D 79 7.83 -20.63 -24.57
CA ASN D 79 6.47 -21.11 -24.78
C ASN D 79 5.82 -20.38 -25.94
N ALA D 80 5.96 -19.05 -25.96
CA ALA D 80 5.31 -18.25 -27.00
C ALA D 80 5.93 -18.49 -28.37
N MET D 81 7.24 -18.77 -28.42
CA MET D 81 7.87 -19.07 -29.69
C MET D 81 7.63 -20.51 -30.15
N ILE D 82 7.30 -21.41 -29.22
CA ILE D 82 6.94 -22.79 -29.57
C ILE D 82 5.53 -22.81 -30.17
N TYR D 83 4.60 -22.10 -29.53
CA TYR D 83 3.20 -22.21 -29.91
C TYR D 83 2.89 -21.35 -31.13
N ASN D 84 3.30 -20.08 -31.12
CA ASN D 84 2.96 -19.14 -32.19
C ASN D 84 3.92 -19.28 -33.37
N LYS D 85 3.37 -19.13 -34.60
CA LYS D 85 4.22 -19.20 -35.78
C LYS D 85 5.01 -17.89 -35.98
N PRO D 86 6.21 -17.97 -36.56
CA PRO D 86 7.08 -16.77 -36.68
C PRO D 86 6.44 -15.57 -37.35
N GLU D 87 5.47 -15.78 -38.24
CA GLU D 87 4.80 -14.68 -38.91
C GLU D 87 3.94 -13.86 -37.97
N THR D 88 3.59 -14.40 -36.81
CA THR D 88 2.58 -13.77 -35.98
C THR D 88 3.18 -12.64 -35.15
N ILE D 89 2.31 -11.70 -34.78
CA ILE D 89 2.74 -10.61 -33.89
C ILE D 89 3.23 -11.16 -32.57
N TYR D 90 2.64 -12.27 -32.12
CA TYR D 90 2.98 -12.80 -30.80
C TYR D 90 4.38 -13.40 -30.80
N TYR D 91 4.70 -14.21 -31.83
CA TYR D 91 6.06 -14.74 -31.94
C TYR D 91 7.09 -13.61 -32.01
N LYS D 92 6.85 -12.62 -32.87
CA LYS D 92 7.81 -11.54 -33.04
C LYS D 92 8.02 -10.77 -31.75
N ALA D 93 6.94 -10.56 -31.00
CA ALA D 93 7.05 -9.91 -29.69
C ALA D 93 7.77 -10.79 -28.68
N ALA D 94 7.57 -12.12 -28.74
CA ALA D 94 8.27 -13.01 -27.82
C ALA D 94 9.77 -12.99 -28.07
N LYS D 95 10.17 -13.07 -29.34
CA LYS D 95 11.60 -13.06 -29.68
C LYS D 95 12.27 -11.76 -29.24
N LYS D 96 11.59 -10.63 -29.46
CA LYS D 96 12.13 -9.33 -29.05
C LYS D 96 12.21 -9.22 -27.53
N LEU D 97 11.16 -9.68 -26.85
CA LEU D 97 11.14 -9.64 -25.39
C LEU D 97 12.25 -10.49 -24.81
N LEU D 98 12.46 -11.69 -25.35
CA LEU D 98 13.54 -12.54 -24.87
C LEU D 98 14.89 -11.88 -25.08
N HIS D 99 15.11 -11.30 -26.26
CA HIS D 99 16.42 -10.74 -26.57
C HIS D 99 16.71 -9.54 -25.66
N SER D 100 15.73 -8.66 -25.50
CA SER D 100 15.93 -7.50 -24.64
CA SER D 100 15.89 -7.50 -24.63
C SER D 100 15.99 -7.92 -23.18
N GLY D 101 15.22 -8.92 -22.80
CA GLY D 101 15.19 -9.37 -21.41
C GLY D 101 16.48 -10.01 -20.98
N MET D 102 17.16 -10.70 -21.90
CA MET D 102 18.43 -11.32 -21.54
CA MET D 102 18.45 -11.32 -21.57
C MET D 102 19.51 -10.29 -21.27
N LYS D 103 19.39 -9.08 -21.85
CA LYS D 103 20.34 -8.03 -21.56
C LYS D 103 20.01 -7.33 -20.26
N ILE D 104 18.71 -7.23 -19.93
CA ILE D 104 18.32 -6.72 -18.62
C ILE D 104 18.79 -7.66 -17.53
N LEU D 105 18.59 -8.96 -17.74
CA LEU D 105 18.96 -9.99 -16.77
C LEU D 105 20.36 -10.55 -17.03
N SER D 106 21.32 -9.73 -17.45
CA SER D 106 22.62 -10.28 -17.75
C SER D 106 23.28 -10.79 -16.46
N GLN D 107 24.20 -11.73 -16.65
CA GLN D 107 24.87 -12.30 -15.48
C GLN D 107 25.58 -11.21 -14.67
N GLU D 108 26.20 -10.24 -15.36
CA GLU D 108 26.94 -9.22 -14.63
C GLU D 108 26.00 -8.25 -13.92
N ARG D 109 24.84 -7.94 -14.51
CA ARG D 109 23.88 -7.13 -13.78
C ARG D 109 23.34 -7.87 -12.56
N ILE D 110 23.12 -9.18 -12.70
CA ILE D 110 22.63 -9.98 -11.59
C ILE D 110 23.65 -9.98 -10.45
N GLN D 111 24.94 -10.12 -10.77
CA GLN D 111 25.96 -10.12 -9.73
C GLN D 111 25.92 -8.84 -8.92
N SER D 112 25.78 -7.70 -9.59
CA SER D 112 25.73 -6.41 -8.88
CA SER D 112 25.75 -6.43 -8.87
C SER D 112 24.52 -6.34 -7.98
N LEU D 113 23.37 -6.81 -8.46
CA LEU D 113 22.17 -6.79 -7.64
C LEU D 113 22.31 -7.71 -6.44
N LYS D 114 22.95 -8.87 -6.62
CA LYS D 114 23.14 -9.77 -5.49
C LYS D 114 23.93 -9.11 -4.38
N GLN D 115 24.96 -8.33 -4.75
CA GLN D 115 25.76 -7.63 -3.75
C GLN D 115 24.91 -6.67 -2.94
N SER D 116 24.09 -5.87 -3.63
N SER D 116 24.09 -5.86 -3.62
CA SER D 116 23.27 -4.89 -2.93
CA SER D 116 23.28 -4.89 -2.91
C SER D 116 22.20 -5.56 -2.09
C SER D 116 22.20 -5.56 -2.08
N ILE D 117 21.63 -6.66 -2.59
CA ILE D 117 20.66 -7.43 -1.80
C ILE D 117 21.31 -7.95 -0.52
N ASP D 118 22.50 -8.54 -0.63
CA ASP D 118 23.20 -9.02 0.56
C ASP D 118 23.45 -7.89 1.55
N PHE D 119 23.81 -6.70 1.07
CA PHE D 119 24.06 -5.57 1.98
C PHE D 119 22.77 -5.11 2.66
N MET D 120 21.68 -5.01 1.89
CA MET D 120 20.43 -4.49 2.45
C MET D 120 19.73 -5.50 3.35
N ALA D 121 20.19 -6.75 3.34
CA ALA D 121 19.66 -7.78 4.23
C ALA D 121 20.59 -7.94 5.43
C1 EDO E . 5.42 23.37 26.26
O1 EDO E . 5.51 24.19 27.42
C2 EDO E . 4.70 24.14 25.17
O2 EDO E . 4.75 23.47 23.91
C1 EDO F . 17.89 10.93 31.01
O1 EDO F . 17.11 11.78 31.85
C2 EDO F . 18.19 9.66 31.77
O2 EDO F . 19.60 9.55 31.84
P PO4 G . 29.61 14.79 5.70
O1 PO4 G . 28.70 13.81 6.41
O2 PO4 G . 30.50 14.03 4.73
O3 PO4 G . 30.47 15.51 6.71
O4 PO4 G . 28.77 15.79 4.92
CL CL H . 33.03 6.16 5.13
C1 EAE I . 11.90 10.95 23.13
C2 EAE I . 13.06 10.70 24.12
C11 EAE I . 11.51 13.55 29.81
C12 EAE I . 12.82 12.17 26.68
C13 EAE I . 13.72 12.51 25.65
C14 EAE I . 15.19 12.05 22.39
C15 EAE I . 16.11 12.69 21.59
C16 EAE I . 16.38 12.14 20.24
N3 EAE I . 13.95 11.81 24.47
C4 EAE I . 14.77 12.46 23.60
S5 EAE I . 15.46 13.87 24.43
C6 EAE I . 14.52 13.65 25.87
C7 EAE I . 14.46 14.47 27.00
C8 EAE I . 13.55 14.10 28.01
C9 EAE I . 12.72 12.95 27.85
O10 EAE I . 11.81 12.55 28.81
O17 EAE I . 16.75 13.72 21.93
C1 GOL J . 25.63 -4.83 16.58
O1 GOL J . 24.73 -3.91 17.16
C2 GOL J . 24.97 -5.33 15.23
O2 GOL J . 25.86 -5.50 14.17
C3 GOL J . 24.04 -6.52 15.59
O3 GOL J . 23.19 -6.03 16.60
C1 EAE K . 1.27 17.35 26.28
C2 EAE K . 0.67 17.86 27.60
C11 EAE K . 4.68 18.32 30.54
C12 EAE K . 2.29 17.14 29.97
C13 EAE K . 1.04 16.55 29.64
C14 EAE K . -1.92 16.23 27.57
C15 EAE K . -3.03 15.40 27.49
C16 EAE K . -3.95 15.51 26.33
N3 EAE K . 0.16 16.93 28.60
C4 EAE K . -0.95 16.15 28.49
S5 EAE K . -1.01 15.06 29.86
C6 EAE K . 0.53 15.58 30.50
C7 EAE K . 1.19 15.17 31.67
C8 EAE K . 2.42 15.78 31.98
C9 EAE K . 2.99 16.76 31.14
O10 EAE K . 4.20 17.32 31.47
O17 EAE K . -3.30 14.54 28.36
C1 EDO L . -19.19 2.66 -8.00
O1 EDO L . -20.06 3.48 -8.79
C2 EDO L . -18.74 1.47 -8.83
O2 EDO L . -19.82 0.53 -8.96
C1 EAE M . -11.22 -14.36 -22.48
C2 EAE M . -12.27 -15.02 -23.38
C11 EAE M . -11.50 -16.37 -29.22
C12 EAE M . -12.05 -14.78 -26.35
C13 EAE M . -13.05 -14.14 -25.55
C14 EAE M . -14.66 -13.22 -22.41
C15 EAE M . -15.54 -12.25 -21.95
C16 EAE M . -15.94 -12.20 -20.52
N3 EAE M . -13.26 -14.28 -24.16
C4 EAE M . -14.17 -13.36 -23.66
S5 EAE M . -14.82 -12.43 -25.02
C6 EAE M . -13.97 -13.34 -26.24
C7 EAE M . -13.95 -13.13 -27.63
C8 EAE M . -12.96 -13.78 -28.39
C9 EAE M . -12.00 -14.60 -27.75
O10 EAE M . -11.03 -15.22 -28.50
O17 EAE M . -16.03 -11.39 -22.72
C1 EDO N . 9.87 -23.08 -7.74
O1 EDO N . 8.76 -23.78 -8.30
C2 EDO N . 10.02 -21.73 -8.45
O2 EDO N . 11.31 -21.16 -8.17
C1 EAE O . -2.73 -12.98 -24.96
C2 EAE O . -2.45 -12.97 -26.49
C11 EAE O . -6.65 -14.20 -29.63
C12 EAE O . -3.86 -14.10 -28.88
C13 EAE O . -2.67 -14.63 -28.30
C14 EAE O . 0.22 -14.61 -26.07
C15 EAE O . 1.33 -15.39 -25.81
C16 EAE O . 2.36 -14.98 -24.83
N3 EAE O . -1.92 -14.12 -27.21
C4 EAE O . -0.84 -14.91 -26.85
S5 EAE O . -0.73 -16.21 -28.02
C6 EAE O . -2.10 -15.71 -28.99
C7 EAE O . -2.61 -16.28 -30.17
C8 EAE O . -3.79 -15.74 -30.69
C9 EAE O . -4.41 -14.64 -30.06
O10 EAE O . -5.57 -14.12 -30.59
O17 EAE O . 1.53 -16.49 -26.40
#